data_8EY7
#
_entry.id   8EY7
#
_cell.length_a   36.908
_cell.length_b   45.338
_cell.length_c   59.406
_cell.angle_alpha   90.000
_cell.angle_beta   90.000
_cell.angle_gamma   90.000
#
_symmetry.space_group_name_H-M   'P 21 21 21'
#
loop_
_entity.id
_entity.type
_entity.pdbx_description
1 polymer 'Isoform 2 of La-related protein 1'
2 polymer "RNA (5'-R(*AP*AP*AP*GP*AP*A)-3')"
3 water water
#
loop_
_entity_poly.entity_id
_entity_poly.type
_entity_poly.pdbx_seq_one_letter_code
_entity_poly.pdbx_strand_id
1 'polypeptide(L)'
;MGSSHHHHHHSQELLKDYIKRQIEYYFSVDNLERDFFLRRKMDADGFLPITLIASFHRVQALTTDISLIFAALKDSKVVE
IVDEKVRRREEPEKWPLPP
;
A
2 'polyribonucleotide' AAAGAA B
#
loop_
_chem_comp.id
_chem_comp.type
_chem_comp.name
_chem_comp.formula
A RNA linking ADENOSINE-5'-MONOPHOSPHATE 'C10 H14 N5 O7 P'
G RNA linking GUANOSINE-5'-MONOPHOSPHATE 'C10 H14 N5 O8 P'
#
# COMPACT_ATOMS: atom_id res chain seq x y z
N HIS A 7 -15.38 24.00 10.29
CA HIS A 7 -14.53 22.89 10.77
C HIS A 7 -15.38 21.65 11.07
N HIS A 8 -15.34 20.67 10.17
CA HIS A 8 -16.23 19.51 10.21
C HIS A 8 -15.49 18.19 10.28
N HIS A 9 -14.16 18.20 10.31
CA HIS A 9 -13.38 16.97 10.46
C HIS A 9 -11.93 17.34 10.74
N HIS A 10 -11.21 16.37 11.23
CA HIS A 10 -9.77 16.49 11.43
C HIS A 10 -9.07 16.25 10.11
N SER A 11 -8.40 17.27 9.61
CA SER A 11 -7.88 17.20 8.23
C SER A 11 -6.86 16.09 8.06
N GLN A 12 -5.99 15.87 9.06
CA GLN A 12 -4.98 14.85 8.88
C GLN A 12 -5.55 13.45 9.08
N GLU A 13 -6.54 13.27 9.96
CA GLU A 13 -7.23 11.98 10.04
C GLU A 13 -7.98 11.65 8.77
N LEU A 14 -8.67 12.63 8.17
CA LEU A 14 -9.32 12.36 6.89
C LEU A 14 -8.31 11.98 5.82
N LEU A 15 -7.20 12.72 5.76
CA LEU A 15 -6.17 12.41 4.76
C LEU A 15 -5.66 11.00 4.97
N LYS A 16 -5.44 10.60 6.22
CA LYS A 16 -5.00 9.24 6.47
C LYS A 16 -5.99 8.22 5.94
N ASP A 17 -7.27 8.49 6.08
CA ASP A 17 -8.25 7.55 5.55
C ASP A 17 -8.19 7.49 4.02
N TYR A 18 -8.03 8.63 3.34
CA TYR A 18 -7.81 8.58 1.88
C TYR A 18 -6.56 7.76 1.52
N ILE A 19 -5.46 7.97 2.23
CA ILE A 19 -4.23 7.25 1.93
C ILE A 19 -4.45 5.76 2.10
N LYS A 20 -5.09 5.38 3.20
CA LYS A 20 -5.28 3.97 3.50
C LYS A 20 -6.13 3.34 2.41
N ARG A 21 -7.26 3.97 2.07
CA ARG A 21 -8.10 3.34 1.06
C ARG A 21 -7.45 3.33 -0.31
N GLN A 22 -6.66 4.35 -0.67
CA GLN A 22 -5.96 4.29 -1.96
C GLN A 22 -4.99 3.11 -2.00
N ILE A 23 -4.27 2.86 -0.92
CA ILE A 23 -3.29 1.78 -0.93
C ILE A 23 -3.99 0.44 -0.88
N GLU A 24 -5.05 0.33 -0.08
CA GLU A 24 -5.81 -0.90 -0.07
C GLU A 24 -6.36 -1.24 -1.43
N TYR A 25 -6.69 -0.23 -2.26
CA TYR A 25 -7.09 -0.55 -3.64
C TYR A 25 -5.97 -1.28 -4.39
N TYR A 26 -4.73 -0.78 -4.33
CA TYR A 26 -3.64 -1.45 -5.04
C TYR A 26 -3.55 -2.91 -4.64
N PHE A 27 -3.78 -3.20 -3.37
CA PHE A 27 -3.68 -4.55 -2.86
C PHE A 27 -4.97 -5.34 -2.89
N SER A 28 -5.98 -4.86 -3.61
CA SER A 28 -7.22 -5.61 -3.78
C SER A 28 -7.00 -6.70 -4.83
N VAL A 29 -7.72 -7.81 -4.70
CA VAL A 29 -7.62 -8.87 -5.72
C VAL A 29 -7.99 -8.33 -7.10
N ASP A 30 -9.00 -7.46 -7.18
CA ASP A 30 -9.40 -6.94 -8.47
C ASP A 30 -8.27 -6.20 -9.17
N ASN A 31 -7.53 -5.35 -8.43
CA ASN A 31 -6.41 -4.67 -9.05
C ASN A 31 -5.26 -5.64 -9.30
N LEU A 32 -4.93 -6.49 -8.34
CA LEU A 32 -3.77 -7.36 -8.47
C LEU A 32 -3.87 -8.26 -9.69
N GLU A 33 -5.07 -8.76 -10.02
CA GLU A 33 -5.20 -9.67 -11.15
C GLU A 33 -4.63 -9.06 -12.43
N ARG A 34 -4.66 -7.71 -12.53
CA ARG A 34 -4.22 -6.99 -13.73
C ARG A 34 -2.95 -6.16 -13.56
N ASP A 35 -2.45 -6.01 -12.34
CA ASP A 35 -1.37 -5.08 -12.05
C ASP A 35 -0.02 -5.77 -12.15
N PHE A 36 0.39 -5.94 -13.39
CA PHE A 36 1.61 -6.68 -13.60
C PHE A 36 2.82 -5.89 -13.15
N PHE A 37 2.80 -4.56 -13.24
CA PHE A 37 3.93 -3.79 -12.74
C PHE A 37 4.13 -4.00 -11.24
N LEU A 38 3.04 -3.85 -10.48
CA LEU A 38 3.13 -4.00 -9.03
C LEU A 38 3.64 -5.39 -8.66
N ARG A 39 3.14 -6.42 -9.33
CA ARG A 39 3.53 -7.78 -8.99
C ARG A 39 4.97 -8.11 -9.37
N ARG A 40 5.52 -7.48 -10.41
CA ARG A 40 6.92 -7.72 -10.76
C ARG A 40 7.84 -7.07 -9.76
N LYS A 41 7.35 -6.09 -9.02
CA LYS A 41 8.14 -5.44 -7.99
C LYS A 41 8.09 -6.15 -6.65
N MET A 42 7.21 -7.12 -6.48
CA MET A 42 7.20 -7.88 -5.25
C MET A 42 8.38 -8.80 -5.12
N ASP A 43 8.84 -8.94 -3.88
CA ASP A 43 9.77 -10.01 -3.56
C ASP A 43 9.01 -11.33 -3.51
N ALA A 44 9.73 -12.42 -3.26
CA ALA A 44 9.09 -13.73 -3.34
C ALA A 44 8.01 -13.91 -2.28
N ASP A 45 8.08 -13.13 -1.19
CA ASP A 45 7.08 -13.22 -0.12
C ASP A 45 5.91 -12.28 -0.32
N GLY A 46 5.84 -11.58 -1.44
CA GLY A 46 4.76 -10.67 -1.72
C GLY A 46 5.00 -9.25 -1.27
N PHE A 47 6.15 -8.96 -0.63
CA PHE A 47 6.37 -7.62 -0.09
C PHE A 47 6.84 -6.62 -1.14
N LEU A 48 6.39 -5.40 -0.99
CA LEU A 48 6.86 -4.22 -1.70
C LEU A 48 7.42 -3.23 -0.71
N PRO A 49 8.43 -2.46 -1.06
CA PRO A 49 8.80 -1.32 -0.21
C PRO A 49 7.63 -0.36 -0.08
N ILE A 50 7.36 0.07 1.14
CA ILE A 50 6.37 1.14 1.33
C ILE A 50 6.81 2.38 0.57
N THR A 51 8.10 2.61 0.47
CA THR A 51 8.56 3.77 -0.29
C THR A 51 8.28 3.68 -1.78
N LEU A 52 8.16 2.47 -2.32
CA LEU A 52 7.71 2.35 -3.70
C LEU A 52 6.26 2.77 -3.80
N ILE A 53 5.43 2.24 -2.90
CA ILE A 53 4.02 2.63 -2.91
C ILE A 53 3.89 4.15 -2.75
N ALA A 54 4.73 4.77 -1.90
CA ALA A 54 4.70 6.20 -1.68
C ALA A 54 4.92 6.99 -2.95
N SER A 55 5.68 6.42 -3.90
CA SER A 55 5.95 7.09 -5.17
C SER A 55 4.81 6.98 -6.16
N PHE A 56 3.84 6.11 -5.92
CA PHE A 56 2.75 5.99 -6.88
C PHE A 56 1.98 7.30 -6.94
N HIS A 57 1.55 7.66 -8.14
CA HIS A 57 1.06 9.02 -8.35
C HIS A 57 -0.09 9.43 -7.43
N ARG A 58 -1.07 8.57 -7.17
CA ARG A 58 -2.14 9.02 -6.28
C ARG A 58 -1.71 9.14 -4.83
N VAL A 59 -0.83 8.26 -4.36
CA VAL A 59 -0.34 8.38 -2.99
C VAL A 59 0.51 9.64 -2.86
N GLN A 60 1.42 9.86 -3.80
CA GLN A 60 2.27 11.04 -3.75
C GLN A 60 1.47 12.32 -3.83
N ALA A 61 0.37 12.30 -4.59
CA ALA A 61 -0.52 13.46 -4.60
C ALA A 61 -1.10 13.73 -3.23
N LEU A 62 -1.48 12.68 -2.49
CA LEU A 62 -2.08 12.88 -1.18
C LEU A 62 -1.04 13.31 -0.13
N THR A 63 0.16 12.74 -0.16
CA THR A 63 1.16 13.11 0.83
C THR A 63 2.55 12.73 0.37
N THR A 64 3.54 13.48 0.84
CA THR A 64 4.93 13.03 0.72
C THR A 64 5.53 12.69 2.08
N ASP A 65 4.71 12.59 3.12
CA ASP A 65 5.15 12.30 4.49
C ASP A 65 5.11 10.80 4.73
N ILE A 66 6.29 10.18 4.73
CA ILE A 66 6.34 8.72 4.79
C ILE A 66 5.79 8.19 6.11
N SER A 67 6.08 8.87 7.23
CA SER A 67 5.57 8.38 8.51
C SER A 67 4.07 8.49 8.58
N LEU A 68 3.49 9.41 7.81
CA LEU A 68 2.05 9.49 7.70
C LEU A 68 1.47 8.32 6.92
N ILE A 69 2.15 7.82 5.88
CA ILE A 69 1.68 6.65 5.16
C ILE A 69 1.72 5.42 6.07
N PHE A 70 2.80 5.25 6.84
CA PHE A 70 2.81 4.18 7.83
C PHE A 70 1.63 4.30 8.77
N ALA A 71 1.34 5.52 9.23
CA ALA A 71 0.25 5.67 10.21
C ALA A 71 -1.07 5.33 9.58
N ALA A 72 -1.23 5.72 8.32
CA ALA A 72 -2.48 5.44 7.62
C ALA A 72 -2.71 3.95 7.49
N LEU A 73 -1.64 3.14 7.42
CA LEU A 73 -1.74 1.71 7.18
C LEU A 73 -1.68 0.89 8.45
N LYS A 74 -1.44 1.52 9.61
CA LYS A 74 -1.15 0.80 10.84
C LYS A 74 -2.24 -0.21 11.17
N ASP A 75 -3.49 0.15 10.96
CA ASP A 75 -4.56 -0.78 11.33
C ASP A 75 -5.30 -1.34 10.13
N SER A 76 -4.69 -1.35 8.96
CA SER A 76 -5.33 -1.96 7.81
C SER A 76 -5.40 -3.47 7.98
N LYS A 77 -6.58 -4.05 7.64
CA LYS A 77 -6.76 -5.49 7.62
C LYS A 77 -6.46 -6.08 6.24
N VAL A 78 -6.28 -5.22 5.25
CA VAL A 78 -5.95 -5.66 3.91
C VAL A 78 -4.46 -5.95 3.79
N VAL A 79 -3.62 -5.11 4.39
CA VAL A 79 -2.18 -5.22 4.20
C VAL A 79 -1.51 -5.45 5.54
N GLU A 80 -0.33 -6.05 5.49
CA GLU A 80 0.55 -6.31 6.62
C GLU A 80 1.88 -5.60 6.35
N ILE A 81 2.49 -5.02 7.39
CA ILE A 81 3.75 -4.29 7.30
C ILE A 81 4.81 -5.06 8.08
N VAL A 82 5.98 -5.25 7.46
CA VAL A 82 7.17 -5.76 8.15
C VAL A 82 8.31 -4.83 7.77
N ASP A 83 8.98 -4.25 8.77
CA ASP A 83 10.06 -3.28 8.51
C ASP A 83 9.44 -2.16 7.69
N GLU A 84 10.02 -1.79 6.55
CA GLU A 84 9.48 -0.80 5.65
C GLU A 84 8.85 -1.44 4.42
N LYS A 85 8.46 -2.72 4.52
N LYS A 85 8.41 -2.67 4.53
CA LYS A 85 7.78 -3.48 3.48
CA LYS A 85 7.76 -3.36 3.42
C LYS A 85 6.28 -3.54 3.77
C LYS A 85 6.31 -3.70 3.77
N VAL A 86 5.51 -3.86 2.73
CA VAL A 86 4.08 -4.06 2.86
C VAL A 86 3.64 -5.15 1.89
N ARG A 87 2.65 -5.96 2.30
CA ARG A 87 2.10 -6.98 1.41
C ARG A 87 0.63 -7.20 1.72
N ARG A 88 -0.08 -7.86 0.77
CA ARG A 88 -1.44 -8.28 1.06
C ARG A 88 -1.44 -9.31 2.18
N ARG A 89 -2.30 -9.14 3.18
CA ARG A 89 -2.35 -10.06 4.32
C ARG A 89 -2.74 -11.46 3.87
N GLU A 90 -3.74 -11.56 3.02
CA GLU A 90 -4.29 -12.84 2.59
C GLU A 90 -3.46 -13.38 1.46
N GLU A 91 -2.86 -14.57 1.68
CA GLU A 91 -2.16 -15.30 0.61
C GLU A 91 -1.26 -14.43 -0.27
N PRO A 92 -0.33 -13.70 0.33
CA PRO A 92 0.49 -12.77 -0.48
C PRO A 92 1.35 -13.47 -1.48
N GLU A 93 1.71 -14.72 -1.22
CA GLU A 93 2.63 -15.46 -2.08
C GLU A 93 2.04 -15.85 -3.41
N LYS A 94 0.74 -15.65 -3.62
CA LYS A 94 0.17 -15.98 -4.91
C LYS A 94 0.53 -14.96 -5.98
N TRP A 95 0.92 -13.75 -5.59
CA TRP A 95 0.93 -12.61 -6.51
C TRP A 95 2.26 -12.23 -7.13
N PRO A 96 3.43 -12.49 -6.55
CA PRO A 96 4.65 -12.01 -7.21
C PRO A 96 4.77 -12.53 -8.63
N LEU A 97 5.40 -11.71 -9.49
CA LEU A 97 5.76 -12.15 -10.84
C LEU A 97 7.24 -11.90 -11.06
N PRO A 98 7.85 -12.62 -11.98
CA PRO A 98 9.29 -12.45 -12.21
C PRO A 98 9.62 -11.00 -12.49
N PRO A 99 10.79 -10.50 -12.01
CA PRO A 99 11.08 -9.06 -12.09
C PRO A 99 11.00 -8.45 -13.48
#